data_3RZF
#
_entry.id   3RZF
#
_cell.length_a   164.656
_cell.length_b   164.656
_cell.length_c   273.458
_cell.angle_alpha   90.00
_cell.angle_beta   90.00
_cell.angle_gamma   90.00
#
_symmetry.space_group_name_H-M   'I 41 2 2'
#
loop_
_entity.id
_entity.type
_entity.pdbx_description
1 polymer 'MGC80376 protein'
2 non-polymer (4-{[4-(4-chlorophenyl)pyrimidin-2-yl]amino}phenyl)[4-(2-hydroxyethyl)piperazin-1-yl]methanone
#
_entity_poly.entity_id   1
_entity_poly.type   'polypeptide(L)'
_entity_poly.pdbx_seq_one_letter_code
;QGGGRSPSLPTQTCGPWEMKERLGTGGFGYVLRWIHQDTGEQVAIKQCRQELSPKNRERWCLEIQIMKKLNHPNVVSARE
VPDGLQKLAPNDLPLLAMEYCEGGDLRKYLNQFENCCGLKEGPIRTLLSDISSALRYLHENRIIHRDLKPENIVLQPGPQ
RLIHKIIDLGYAKELDQGELCTEFVGTLQYLAPELLEQKKYTVTVDYWSFGTLAFECITGFRPFLPNWQPVQWHGKVREK
SNEHIVVYDDLTGAVKFSSVLPTPNHLSGILAGKLERWLQCMLMWHQRQRGTDPQNPNVGCFQALDSILSLKLLSVMNMV
SGRVHTYPVTENENLQNLKSWLQQDTGIPEEEQELLQASGLALNSAQPLTQYVIDCTVIDGRQGEGDLIFLFDNRKTVYE
PQISLPAHPESVSIVLQDPKRPLTYTHLRRVWGQIWQTIRALKEDCARLLQGQRTSMVNLLRYNTELSKKKNSMTSECEQ
LKAKLDFFRSSIQIDLEKYSEQMEFGITSEKLLSAWREMEQAVELCGREREVQALVDKMMALQTDSVDLQRNPLGRKHRG
TLDDLEEQARDLYRRLRERPRDQRTPGDSNDMVRLLILAIQSFEKRVILIYDQLSKTVVCKRKALELSPKVKEVMNLMRE
DEKIVVRRQEKRQQELWNLLKIACSKVRGPVSGSPDS
;
_entity_poly.pdbx_strand_id   A
#
loop_
_chem_comp.id
_chem_comp.type
_chem_comp.name
_chem_comp.formula
XNM non-polymer (4-{[4-(4-chlorophenyl)pyrimidin-2-yl]amino}phenyl)[4-(2-hydroxyethyl)piperazin-1-yl]methanone 'C23 H24 Cl N5 O2'
#
# COMPACT_ATOMS: atom_id res chain seq x y z
N GLU A 18 7.20 43.17 -3.10
CA GLU A 18 7.83 41.93 -3.62
C GLU A 18 7.60 40.77 -2.65
N MET A 19 7.48 39.56 -3.20
CA MET A 19 7.40 38.32 -2.43
C MET A 19 7.98 37.13 -3.21
N LYS A 20 8.11 35.98 -2.54
CA LYS A 20 9.06 34.94 -2.92
C LYS A 20 8.91 34.16 -4.25
N GLU A 21 9.45 32.95 -4.23
CA GLU A 21 9.84 32.22 -5.43
C GLU A 21 8.71 31.54 -6.20
N ARG A 22 9.04 31.01 -7.37
CA ARG A 22 8.09 30.35 -8.27
C ARG A 22 7.72 28.94 -7.78
N LEU A 23 6.93 28.21 -8.58
CA LEU A 23 6.54 26.84 -8.23
C LEU A 23 6.63 25.85 -9.39
N GLY A 24 6.10 26.22 -10.55
CA GLY A 24 6.11 25.34 -11.73
C GLY A 24 5.17 25.69 -12.86
N THR A 25 5.39 25.06 -14.01
CA THR A 25 4.60 25.31 -15.22
C THR A 25 3.35 24.43 -15.28
N GLY A 26 2.39 24.82 -16.11
CA GLY A 26 1.17 24.04 -16.31
C GLY A 26 -0.01 24.92 -16.65
N GLY A 27 -0.73 24.55 -17.71
CA GLY A 27 -1.89 25.31 -18.15
C GLY A 27 -1.49 26.57 -18.89
N PHE A 28 -2.16 27.68 -18.56
CA PHE A 28 -1.94 28.95 -19.24
C PHE A 28 -0.82 29.81 -18.63
N GLY A 29 -0.04 29.25 -17.71
CA GLY A 29 1.10 29.96 -17.14
C GLY A 29 1.75 29.37 -15.90
N TYR A 30 2.34 30.27 -15.10
CA TYR A 30 3.16 29.89 -13.95
C TYR A 30 2.40 29.87 -12.62
N VAL A 31 2.95 29.14 -11.65
CA VAL A 31 2.45 29.12 -10.28
C VAL A 31 3.52 29.72 -9.37
N LEU A 32 3.10 30.52 -8.40
CA LEU A 32 4.06 31.24 -7.55
C LEU A 32 3.88 30.95 -6.07
N ARG A 33 5.00 30.83 -5.35
CA ARG A 33 4.98 30.68 -3.91
C ARG A 33 5.39 32.00 -3.26
N TRP A 34 4.39 32.82 -2.93
CA TRP A 34 4.63 34.05 -2.20
C TRP A 34 4.35 33.87 -0.71
N ILE A 35 5.38 33.49 0.04
CA ILE A 35 5.28 33.42 1.50
C ILE A 35 5.23 34.85 2.04
N HIS A 36 4.05 35.23 2.53
CA HIS A 36 3.74 36.61 2.87
C HIS A 36 4.80 37.27 3.73
N GLN A 37 5.07 38.54 3.43
CA GLN A 37 6.12 39.34 4.07
C GLN A 37 6.15 39.24 5.60
N ASP A 38 4.97 39.33 6.24
CA ASP A 38 4.88 39.46 7.70
C ASP A 38 4.02 38.39 8.40
N THR A 39 2.74 38.33 8.05
CA THR A 39 1.78 37.43 8.71
C THR A 39 2.08 35.94 8.49
N GLY A 40 2.76 35.63 7.38
CA GLY A 40 3.22 34.28 7.10
C GLY A 40 2.15 33.34 6.55
N GLU A 41 1.31 33.86 5.66
CA GLU A 41 0.33 33.05 4.93
C GLU A 41 1.00 32.31 3.77
N GLN A 42 0.27 31.38 3.15
CA GLN A 42 0.79 30.59 2.03
C GLN A 42 0.00 30.81 0.74
N VAL A 43 0.54 31.68 -0.12
CA VAL A 43 -0.16 32.15 -1.32
C VAL A 43 0.45 31.60 -2.62
N ALA A 44 -0.41 31.05 -3.49
CA ALA A 44 0.00 30.45 -4.76
C ALA A 44 -0.76 31.06 -5.94
N ILE A 45 -0.04 31.67 -6.88
CA ILE A 45 -0.68 32.43 -7.96
C ILE A 45 -0.50 31.78 -9.33
N LYS A 46 -1.62 31.61 -10.02
CA LYS A 46 -1.62 31.28 -11.42
C LYS A 46 -1.62 32.59 -12.19
N GLN A 47 -0.61 32.76 -13.03
CA GLN A 47 -0.53 33.92 -13.91
C GLN A 47 -0.44 33.50 -15.38
N CYS A 48 -0.86 34.41 -16.26
CA CYS A 48 -0.82 34.18 -17.71
C CYS A 48 0.62 34.29 -18.21
N ARG A 49 0.99 33.45 -19.16
CA ARG A 49 2.36 33.43 -19.69
C ARG A 49 2.65 34.66 -20.55
N GLN A 50 2.01 34.72 -21.72
CA GLN A 50 2.13 35.88 -22.61
C GLN A 50 0.85 36.72 -22.54
N GLU A 51 0.49 37.35 -23.66
CA GLU A 51 -0.83 37.95 -23.82
C GLU A 51 -1.82 36.95 -24.44
N LEU A 52 -1.26 35.87 -25.00
CA LEU A 52 -2.01 34.72 -25.53
C LEU A 52 -3.52 34.95 -25.74
N SER A 53 -3.84 35.75 -26.75
CA SER A 53 -5.22 36.13 -27.07
C SER A 53 -5.85 35.12 -28.03
N PRO A 54 -7.13 35.32 -28.42
CA PRO A 54 -8.18 36.20 -27.89
C PRO A 54 -9.28 35.46 -27.11
N LYS A 55 -9.74 34.33 -27.64
CA LYS A 55 -10.77 33.51 -26.99
C LYS A 55 -10.22 32.72 -25.80
N ASN A 56 -8.90 32.52 -25.80
CA ASN A 56 -8.21 31.98 -24.64
C ASN A 56 -8.08 33.03 -23.54
N ARG A 57 -8.21 34.30 -23.93
CA ARG A 57 -8.22 35.42 -23.00
C ARG A 57 -9.55 35.48 -22.27
N GLU A 58 -10.61 35.04 -22.95
CA GLU A 58 -11.92 34.87 -22.34
C GLU A 58 -11.96 33.58 -21.49
N ARG A 59 -11.50 32.48 -22.08
CA ARG A 59 -11.56 31.15 -21.47
C ARG A 59 -10.74 31.03 -20.19
N TRP A 60 -9.68 31.83 -20.08
CA TRP A 60 -8.92 31.92 -18.85
C TRP A 60 -9.80 32.51 -17.75
N CYS A 61 -10.68 33.44 -18.14
CA CYS A 61 -11.61 34.06 -17.20
C CYS A 61 -12.85 33.21 -16.98
N LEU A 62 -13.04 32.23 -17.86
CA LEU A 62 -14.01 31.18 -17.60
C LEU A 62 -13.46 30.32 -16.47
N GLU A 63 -12.20 29.90 -16.63
CA GLU A 63 -11.53 29.08 -15.63
C GLU A 63 -11.52 29.71 -14.23
N ILE A 64 -11.00 30.93 -14.13
CA ILE A 64 -10.87 31.62 -12.83
C ILE A 64 -12.17 31.63 -12.04
N GLN A 65 -13.25 32.01 -12.70
CA GLN A 65 -14.57 32.00 -12.09
C GLN A 65 -14.93 30.56 -11.68
N ILE A 66 -14.59 29.59 -12.53
CA ILE A 66 -14.87 28.19 -12.28
C ILE A 66 -14.14 27.63 -11.07
N MET A 67 -12.88 28.01 -10.90
CA MET A 67 -12.08 27.54 -9.76
C MET A 67 -12.53 28.18 -8.45
N LYS A 68 -13.29 29.26 -8.56
CA LYS A 68 -13.82 29.93 -7.39
C LYS A 68 -15.16 29.33 -7.02
N LYS A 69 -15.94 28.99 -8.05
CA LYS A 69 -17.32 28.52 -7.93
C LYS A 69 -17.56 27.59 -6.74
N LEU A 70 -16.81 26.49 -6.67
CA LEU A 70 -16.98 25.52 -5.59
C LEU A 70 -15.67 24.96 -5.04
N ASN A 71 -15.78 24.31 -3.88
CA ASN A 71 -14.64 23.74 -3.18
C ASN A 71 -15.01 22.53 -2.31
N HIS A 72 -14.09 21.57 -2.22
CA HIS A 72 -14.14 20.50 -1.21
C HIS A 72 -12.75 19.92 -0.97
N PRO A 73 -12.46 19.53 0.29
CA PRO A 73 -11.15 19.05 0.75
C PRO A 73 -10.58 17.83 0.03
N ASN A 74 -10.61 17.86 -1.30
CA ASN A 74 -9.80 16.99 -2.13
C ASN A 74 -9.32 17.73 -3.37
N VAL A 75 -9.77 18.99 -3.48
CA VAL A 75 -9.27 19.95 -4.45
C VAL A 75 -9.24 21.30 -3.77
N VAL A 76 -8.20 22.07 -4.08
CA VAL A 76 -7.95 23.37 -3.46
C VAL A 76 -9.10 24.38 -3.67
N SER A 77 -9.13 25.41 -2.82
CA SER A 77 -10.05 26.53 -2.98
C SER A 77 -9.28 27.83 -3.30
N ALA A 78 -10.01 28.86 -3.71
CA ALA A 78 -9.41 30.15 -4.10
C ALA A 78 -8.85 30.96 -2.93
N ARG A 79 -8.33 32.15 -3.22
CA ARG A 79 -7.79 33.03 -2.17
C ARG A 79 -8.09 34.53 -2.37
N GLU A 80 -8.36 34.93 -3.61
CA GLU A 80 -8.67 36.31 -3.99
C GLU A 80 -7.43 37.19 -4.27
N VAL A 81 -7.23 38.24 -3.48
CA VAL A 81 -6.18 39.23 -3.77
C VAL A 81 -5.29 39.52 -2.56
N PRO A 82 -4.01 39.10 -2.63
CA PRO A 82 -3.03 39.41 -1.59
C PRO A 82 -2.33 40.74 -1.87
N ASP A 83 -2.71 41.77 -1.12
CA ASP A 83 -2.28 43.14 -1.37
C ASP A 83 -0.89 43.50 -0.83
N GLY A 84 0.08 42.60 -1.02
CA GLY A 84 1.49 42.91 -0.81
C GLY A 84 1.96 43.77 -1.97
N LEU A 85 1.49 43.40 -3.16
CA LEU A 85 1.57 44.21 -4.37
C LEU A 85 0.24 44.10 -5.13
N GLN A 86 -0.47 43.00 -4.87
CA GLN A 86 -1.68 42.60 -5.60
C GLN A 86 -1.34 42.35 -7.08
N LYS A 87 -1.76 43.26 -7.96
CA LYS A 87 -1.47 43.13 -9.39
C LYS A 87 -0.24 43.96 -9.79
N LEU A 88 0.93 43.32 -9.74
CA LEU A 88 2.14 43.87 -10.33
C LEU A 88 2.07 43.58 -11.82
N ALA A 89 2.10 42.29 -12.16
CA ALA A 89 1.77 41.76 -13.49
C ALA A 89 2.64 42.21 -14.68
N PRO A 90 2.96 41.26 -15.59
CA PRO A 90 3.48 41.58 -16.92
C PRO A 90 2.35 41.58 -17.96
N ASN A 91 1.12 41.79 -17.51
CA ASN A 91 -0.07 41.78 -18.36
C ASN A 91 -1.02 42.96 -18.08
N ASP A 92 -1.92 43.21 -19.02
CA ASP A 92 -3.09 44.02 -18.77
C ASP A 92 -4.25 43.07 -18.46
N LEU A 93 -3.93 41.97 -17.76
CA LEU A 93 -4.85 40.87 -17.48
C LEU A 93 -4.64 40.32 -16.06
N PRO A 94 -5.75 39.98 -15.35
CA PRO A 94 -5.76 39.63 -13.93
C PRO A 94 -4.98 38.36 -13.53
N LEU A 95 -5.15 37.93 -12.27
CA LEU A 95 -4.47 36.76 -11.71
C LEU A 95 -5.42 35.92 -10.86
N LEU A 96 -5.07 34.64 -10.64
CA LEU A 96 -5.79 33.81 -9.67
C LEU A 96 -4.84 33.30 -8.59
N ALA A 97 -5.30 33.39 -7.33
CA ALA A 97 -4.50 33.04 -6.16
C ALA A 97 -5.12 31.94 -5.30
N MET A 98 -4.27 31.10 -4.72
CA MET A 98 -4.71 29.88 -4.02
C MET A 98 -3.88 29.59 -2.78
N GLU A 99 -4.38 28.71 -1.94
CA GLU A 99 -3.68 28.25 -0.74
C GLU A 99 -2.50 27.33 -1.08
N TYR A 100 -1.35 27.59 -0.49
CA TYR A 100 -0.18 26.74 -0.64
C TYR A 100 -0.17 25.74 0.50
N CYS A 101 0.14 24.46 0.30
CA CYS A 101 -0.23 23.48 1.37
C CYS A 101 0.86 22.62 2.17
N GLU A 102 1.79 21.74 1.66
CA GLU A 102 2.87 21.21 2.59
C GLU A 102 3.48 19.79 2.33
N GLY A 103 2.80 18.86 1.62
CA GLY A 103 3.38 17.56 1.42
C GLY A 103 3.87 17.32 -0.02
N GLY A 104 3.76 18.34 -0.87
CA GLY A 104 4.24 18.22 -2.23
C GLY A 104 3.33 17.39 -3.15
N ASP A 105 3.90 17.06 -4.28
CA ASP A 105 3.24 16.31 -5.30
C ASP A 105 3.23 14.91 -5.02
N LEU A 106 2.21 14.38 -5.41
CA LEU A 106 2.10 13.03 -5.25
C LEU A 106 3.28 12.33 -5.92
N ARG A 107 3.79 12.88 -7.05
CA ARG A 107 4.93 12.29 -7.71
C ARG A 107 6.17 12.39 -6.85
N LYS A 108 6.48 13.58 -6.34
CA LYS A 108 7.69 13.76 -5.53
C LYS A 108 7.82 12.61 -4.53
N TYR A 109 6.68 12.13 -4.03
CA TYR A 109 6.64 10.96 -3.17
C TYR A 109 6.83 9.68 -3.97
N LEU A 110 6.03 9.52 -5.03
CA LEU A 110 6.16 8.37 -5.93
C LEU A 110 7.60 8.16 -6.37
N ASN A 111 8.38 9.23 -6.24
CA ASN A 111 9.78 9.28 -6.67
C ASN A 111 10.79 8.71 -5.68
N GLN A 112 10.42 8.65 -4.40
CA GLN A 112 11.33 8.20 -3.34
C GLN A 112 12.08 6.93 -3.72
N PHE A 113 13.40 6.99 -3.54
CA PHE A 113 14.29 5.88 -3.88
C PHE A 113 13.72 4.57 -3.33
N GLU A 114 13.53 4.54 -2.01
CA GLU A 114 13.09 3.36 -1.30
C GLU A 114 11.60 3.05 -1.51
N ASN A 115 10.88 4.02 -2.08
CA ASN A 115 9.52 3.76 -2.56
C ASN A 115 9.54 3.24 -4.00
N CYS A 116 10.66 2.57 -4.32
CA CYS A 116 10.83 1.79 -5.54
C CYS A 116 9.71 0.77 -5.66
N CYS A 117 9.63 0.12 -6.83
CA CYS A 117 8.60 -0.88 -7.10
C CYS A 117 7.20 -0.35 -6.84
N GLY A 118 7.08 0.98 -6.75
CA GLY A 118 5.81 1.61 -6.43
C GLY A 118 5.40 1.38 -4.99
N LEU A 119 4.10 1.44 -4.73
CA LEU A 119 3.58 1.33 -3.35
C LEU A 119 3.10 -0.08 -2.97
N LYS A 120 3.37 -0.42 -1.71
CA LYS A 120 2.89 -1.65 -1.08
C LYS A 120 1.94 -1.26 0.10
N GLU A 121 0.98 -0.37 -0.20
CA GLU A 121 0.37 0.54 0.78
C GLU A 121 -1.06 0.36 1.30
N GLY A 122 -1.70 1.52 1.43
CA GLY A 122 -2.99 1.72 2.07
C GLY A 122 -3.26 3.22 1.92
N PRO A 123 -2.22 4.05 2.06
CA PRO A 123 -2.14 5.37 1.41
C PRO A 123 -2.53 5.35 -0.07
N ILE A 124 -2.38 4.20 -0.70
CA ILE A 124 -3.06 3.92 -1.95
C ILE A 124 -4.55 4.13 -1.69
N ARG A 125 -5.07 3.41 -0.70
CA ARG A 125 -6.47 3.51 -0.27
C ARG A 125 -6.83 4.98 -0.10
N THR A 126 -6.17 5.63 0.86
CA THR A 126 -6.28 7.08 1.03
C THR A 126 -6.39 7.72 -0.35
N LEU A 127 -5.37 7.50 -1.17
CA LEU A 127 -5.30 8.11 -2.48
C LEU A 127 -6.60 7.95 -3.25
N LEU A 128 -6.94 6.72 -3.61
CA LEU A 128 -8.08 6.44 -4.48
C LEU A 128 -9.35 7.10 -3.98
N SER A 129 -9.71 6.79 -2.74
CA SER A 129 -10.92 7.28 -2.09
C SER A 129 -10.95 8.80 -1.90
N ASP A 130 -9.77 9.44 -2.00
CA ASP A 130 -9.68 10.89 -2.04
C ASP A 130 -9.92 11.42 -3.44
N ILE A 131 -9.08 10.96 -4.38
CA ILE A 131 -9.15 11.42 -5.75
C ILE A 131 -10.51 11.09 -6.33
N SER A 132 -11.09 9.96 -5.91
CA SER A 132 -12.42 9.60 -6.34
C SER A 132 -13.36 10.74 -5.95
N SER A 133 -13.45 11.02 -4.65
CA SER A 133 -14.37 12.04 -4.14
C SER A 133 -14.04 13.41 -4.72
N ALA A 134 -12.79 13.56 -5.15
CA ALA A 134 -12.39 14.75 -5.88
C ALA A 134 -13.10 14.76 -7.23
N LEU A 135 -12.83 13.72 -8.02
CA LEU A 135 -13.31 13.60 -9.40
C LEU A 135 -14.83 13.64 -9.51
N ARG A 136 -15.50 12.87 -8.65
CA ARG A 136 -16.96 12.83 -8.59
C ARG A 136 -17.51 14.24 -8.60
N TYR A 137 -17.31 14.97 -7.50
CA TYR A 137 -17.55 16.40 -7.43
C TYR A 137 -17.58 17.02 -8.82
N LEU A 138 -16.43 16.91 -9.48
CA LEU A 138 -16.20 17.58 -10.75
C LEU A 138 -17.23 17.21 -11.80
N HIS A 139 -17.48 15.92 -11.98
CA HIS A 139 -18.46 15.47 -12.99
C HIS A 139 -19.89 15.71 -12.56
N GLU A 140 -20.15 15.61 -11.26
CA GLU A 140 -21.46 15.96 -10.72
C GLU A 140 -21.69 17.42 -11.04
N ASN A 141 -20.60 18.18 -11.11
CA ASN A 141 -20.64 19.60 -11.43
C ASN A 141 -20.22 19.94 -12.87
N ARG A 142 -20.19 18.89 -13.71
CA ARG A 142 -19.98 18.98 -15.16
C ARG A 142 -18.57 19.43 -15.58
N ILE A 143 -17.62 19.29 -14.67
CA ILE A 143 -16.27 19.81 -14.83
C ILE A 143 -15.28 18.68 -15.11
N ILE A 144 -15.37 18.11 -16.30
CA ILE A 144 -14.46 17.06 -16.72
C ILE A 144 -13.05 17.62 -16.69
N HIS A 145 -12.29 17.25 -15.67
CA HIS A 145 -10.88 17.63 -15.57
C HIS A 145 -10.12 16.87 -16.63
N ARG A 146 -9.94 17.51 -17.78
CA ARG A 146 -9.41 16.88 -19.00
C ARG A 146 -8.27 15.90 -18.77
N ASP A 147 -7.43 16.20 -17.78
CA ASP A 147 -6.30 15.36 -17.43
C ASP A 147 -6.32 14.99 -15.95
N LEU A 148 -5.15 14.65 -15.45
CA LEU A 148 -4.91 14.42 -14.04
C LEU A 148 -3.49 13.94 -13.90
N LYS A 149 -2.71 14.70 -13.15
CA LYS A 149 -1.28 14.47 -13.04
C LYS A 149 -0.90 14.18 -11.60
N PRO A 150 -0.08 13.14 -11.39
CA PRO A 150 0.47 12.98 -10.06
C PRO A 150 1.30 14.24 -9.69
N GLU A 151 1.68 15.00 -10.72
CA GLU A 151 2.35 16.28 -10.57
C GLU A 151 1.40 17.39 -10.13
N ASN A 152 0.10 17.20 -10.36
CA ASN A 152 -0.90 18.19 -9.95
C ASN A 152 -1.64 17.82 -8.66
N ILE A 153 -1.05 16.92 -7.88
CA ILE A 153 -1.68 16.42 -6.66
C ILE A 153 -0.76 16.52 -5.45
N VAL A 154 -1.33 17.03 -4.38
CA VAL A 154 -0.60 17.27 -3.14
C VAL A 154 -0.94 16.25 -2.06
N LEU A 155 0.09 15.53 -1.60
CA LEU A 155 0.03 14.78 -0.35
C LEU A 155 0.18 15.78 0.78
N GLN A 156 -0.95 16.37 1.16
CA GLN A 156 -0.99 17.41 2.19
C GLN A 156 -0.94 16.80 3.59
N PRO A 157 -0.07 17.35 4.45
CA PRO A 157 -0.02 16.91 5.84
C PRO A 157 -1.39 17.00 6.50
N GLY A 158 -1.77 15.94 7.22
CA GLY A 158 -3.05 15.89 7.92
C GLY A 158 -2.91 15.34 9.32
N PRO A 159 -3.50 16.04 10.32
CA PRO A 159 -3.47 15.60 11.71
C PRO A 159 -4.06 14.19 11.91
N GLN A 160 -5.25 13.95 11.36
CA GLN A 160 -5.95 12.67 11.51
C GLN A 160 -5.34 11.59 10.60
N ARG A 161 -5.20 11.94 9.31
CA ARG A 161 -4.88 11.01 8.25
C ARG A 161 -4.54 11.86 7.01
N LEU A 162 -3.29 11.77 6.54
CA LEU A 162 -2.77 12.68 5.50
C LEU A 162 -3.68 12.83 4.26
N ILE A 163 -3.76 14.07 3.76
CA ILE A 163 -4.80 14.48 2.82
C ILE A 163 -4.33 14.62 1.37
N HIS A 164 -5.25 14.39 0.45
CA HIS A 164 -4.97 14.58 -0.96
C HIS A 164 -5.73 15.78 -1.54
N LYS A 165 -5.07 16.65 -2.33
CA LYS A 165 -5.89 17.77 -2.93
C LYS A 165 -5.64 18.03 -4.43
N ILE A 166 -6.58 17.62 -5.35
CA ILE A 166 -6.49 17.76 -6.82
C ILE A 166 -6.30 19.23 -7.15
N ILE A 167 -5.36 19.48 -8.04
CA ILE A 167 -5.03 20.82 -8.43
C ILE A 167 -4.87 20.91 -9.97
N ASP A 168 -4.52 22.11 -10.42
CA ASP A 168 -4.16 22.41 -11.81
C ASP A 168 -5.32 22.20 -12.82
N LEU A 169 -6.19 23.19 -12.86
CA LEU A 169 -7.40 23.15 -13.62
C LEU A 169 -7.25 23.96 -14.92
N GLY A 170 -6.01 24.17 -15.37
CA GLY A 170 -5.69 24.85 -16.60
C GLY A 170 -6.32 24.18 -17.92
N TYR A 171 -6.72 22.86 -17.89
CA TYR A 171 -7.27 22.02 -19.09
C TYR A 171 -8.73 21.29 -19.07
N ALA A 172 -9.85 21.85 -18.43
CA ALA A 172 -11.24 21.25 -18.23
C ALA A 172 -12.37 21.62 -19.20
N LYS A 173 -13.31 20.71 -19.43
CA LYS A 173 -14.48 21.01 -20.24
C LYS A 173 -15.60 21.30 -19.27
N GLU A 174 -16.24 22.47 -19.44
CA GLU A 174 -17.34 22.89 -18.58
C GLU A 174 -18.65 22.26 -19.04
N LEU A 175 -18.69 21.84 -20.30
CA LEU A 175 -19.88 21.24 -20.89
C LEU A 175 -20.93 22.29 -21.27
N ASP A 176 -21.13 23.27 -20.39
CA ASP A 176 -22.21 24.26 -20.59
C ASP A 176 -21.76 25.67 -21.01
N GLN A 177 -20.56 26.10 -20.62
CA GLN A 177 -20.03 27.42 -21.00
C GLN A 177 -18.82 27.41 -21.94
N GLY A 178 -18.04 26.33 -21.94
CA GLY A 178 -16.91 26.20 -22.86
C GLY A 178 -15.81 25.24 -22.43
N GLU A 179 -14.65 25.39 -23.06
CA GLU A 179 -13.48 24.56 -22.79
C GLU A 179 -12.46 25.41 -22.03
N LEU A 180 -11.28 24.86 -21.78
CA LEU A 180 -10.25 25.63 -21.06
C LEU A 180 -8.99 25.99 -21.86
N CYS A 181 -8.16 25.02 -22.21
CA CYS A 181 -7.01 25.26 -23.10
C CYS A 181 -7.24 24.57 -24.44
N THR A 182 -6.17 24.14 -25.08
CA THR A 182 -6.21 23.22 -26.20
C THR A 182 -4.81 22.63 -26.38
N GLU A 183 -3.97 22.89 -25.39
CA GLU A 183 -2.56 22.50 -25.39
C GLU A 183 -2.30 21.17 -24.69
N PHE A 184 -1.18 20.54 -25.04
CA PHE A 184 -0.75 19.28 -24.43
C PHE A 184 0.47 19.56 -23.54
N VAL A 185 0.60 20.84 -23.16
CA VAL A 185 1.78 21.40 -22.50
C VAL A 185 2.42 20.52 -21.40
N GLY A 186 3.76 20.43 -21.46
CA GLY A 186 4.55 19.76 -20.45
C GLY A 186 4.90 18.32 -20.80
N THR A 187 4.35 17.39 -20.03
CA THR A 187 4.51 15.95 -20.26
C THR A 187 3.16 15.27 -20.44
N LEU A 188 2.87 14.87 -21.67
CA LEU A 188 1.64 14.17 -21.99
C LEU A 188 1.61 12.82 -21.27
N GLN A 189 2.48 11.91 -21.68
CA GLN A 189 2.79 10.65 -20.99
C GLN A 189 1.57 9.78 -20.60
N TYR A 190 0.71 10.28 -19.71
CA TYR A 190 -0.59 9.64 -19.46
C TYR A 190 -1.67 10.31 -20.30
N LEU A 191 -2.90 9.82 -20.12
CA LEU A 191 -4.10 10.34 -20.77
C LEU A 191 -4.62 9.39 -21.85
N ALA A 192 -5.92 9.52 -22.14
CA ALA A 192 -6.62 8.59 -23.01
C ALA A 192 -6.57 8.98 -24.49
N PRO A 193 -6.68 7.97 -25.38
CA PRO A 193 -6.95 8.14 -26.79
C PRO A 193 -7.83 9.35 -27.05
N GLU A 194 -8.95 9.42 -26.35
CA GLU A 194 -9.91 10.53 -26.47
C GLU A 194 -9.24 11.85 -26.87
N LEU A 195 -8.21 12.26 -26.12
CA LEU A 195 -7.48 13.48 -26.43
C LEU A 195 -6.23 13.23 -27.26
N LEU A 196 -5.59 12.08 -27.05
CA LEU A 196 -4.42 11.69 -27.83
C LEU A 196 -4.70 11.70 -29.33
N GLU A 197 -5.83 11.12 -29.72
CA GLU A 197 -6.28 11.15 -31.10
C GLU A 197 -7.00 12.48 -31.41
N GLN A 198 -7.18 13.30 -30.36
CA GLN A 198 -7.92 14.58 -30.43
C GLN A 198 -9.37 14.44 -30.89
N LYS A 199 -9.86 13.20 -30.87
CA LYS A 199 -11.24 12.87 -31.24
C LYS A 199 -12.24 13.48 -30.25
N LYS A 200 -13.53 13.24 -30.50
CA LYS A 200 -14.59 13.70 -29.64
C LYS A 200 -14.67 12.84 -28.36
N TYR A 201 -15.12 13.44 -27.26
CA TYR A 201 -15.00 12.81 -25.95
C TYR A 201 -16.11 13.14 -24.94
N THR A 202 -16.35 12.17 -24.05
CA THR A 202 -17.12 12.36 -22.82
C THR A 202 -16.20 12.11 -21.60
N VAL A 203 -16.80 12.12 -20.41
CA VAL A 203 -16.09 12.01 -19.14
C VAL A 203 -15.10 10.86 -19.07
N THR A 204 -15.39 9.81 -19.84
CA THR A 204 -14.65 8.55 -19.84
C THR A 204 -13.14 8.65 -19.63
N VAL A 205 -12.60 9.82 -19.98
CA VAL A 205 -11.16 10.09 -19.95
C VAL A 205 -10.59 10.15 -18.53
N ASP A 206 -11.34 10.77 -17.60
CA ASP A 206 -10.84 10.92 -16.25
C ASP A 206 -10.62 9.56 -15.60
N TYR A 207 -11.49 8.63 -15.97
CA TYR A 207 -11.39 7.24 -15.54
C TYR A 207 -10.06 6.66 -15.97
N TRP A 208 -9.68 6.95 -17.21
CA TRP A 208 -8.38 6.57 -17.72
C TRP A 208 -7.31 7.14 -16.80
N SER A 209 -7.16 8.46 -16.83
CA SER A 209 -6.11 9.16 -16.08
C SER A 209 -6.03 8.62 -14.65
N PHE A 210 -7.14 8.74 -13.93
CA PHE A 210 -7.27 8.21 -12.59
C PHE A 210 -6.81 6.74 -12.52
N GLY A 211 -7.38 5.89 -13.38
CA GLY A 211 -7.03 4.46 -13.37
C GLY A 211 -5.54 4.26 -13.55
N THR A 212 -5.00 4.93 -14.57
CA THR A 212 -3.57 4.87 -14.89
C THR A 212 -2.74 5.56 -13.82
N LEU A 213 -3.42 6.38 -13.01
CA LEU A 213 -2.80 7.00 -11.87
C LEU A 213 -2.64 5.94 -10.80
N ALA A 214 -3.71 5.21 -10.53
CA ALA A 214 -3.71 4.15 -9.54
C ALA A 214 -2.73 3.07 -9.91
N PHE A 215 -2.72 2.70 -11.19
CA PHE A 215 -1.80 1.70 -11.72
C PHE A 215 -0.38 2.08 -11.30
N GLU A 216 -0.02 3.34 -11.52
CA GLU A 216 1.26 3.83 -11.07
C GLU A 216 1.35 3.80 -9.55
N CYS A 217 0.28 4.26 -8.90
CA CYS A 217 0.26 4.31 -7.44
C CYS A 217 0.56 2.98 -6.79
N ILE A 218 0.29 1.90 -7.52
CA ILE A 218 0.59 0.57 -7.01
C ILE A 218 1.95 0.08 -7.51
N THR A 219 2.14 0.08 -8.83
CA THR A 219 3.33 -0.52 -9.46
C THR A 219 4.54 0.41 -9.57
N GLY A 220 4.28 1.64 -10.00
CA GLY A 220 5.34 2.58 -10.35
C GLY A 220 5.46 2.77 -11.85
N PHE A 221 4.57 2.12 -12.61
CA PHE A 221 4.61 2.17 -14.09
C PHE A 221 3.28 2.31 -14.88
N ARG A 222 2.84 1.22 -15.53
CA ARG A 222 1.67 1.19 -16.42
C ARG A 222 1.91 0.21 -17.60
N PRO A 223 0.87 -0.07 -18.42
CA PRO A 223 1.02 -0.47 -19.83
C PRO A 223 0.76 0.63 -20.88
N PHE A 224 1.66 1.60 -21.08
CA PHE A 224 2.94 1.77 -20.37
C PHE A 224 3.70 3.03 -20.85
N LEU A 225 4.86 3.27 -20.23
CA LEU A 225 5.52 4.58 -20.31
C LEU A 225 7.00 4.50 -20.71
N PRO A 226 7.68 3.35 -20.46
CA PRO A 226 9.05 3.16 -20.99
C PRO A 226 9.24 3.56 -22.47
N ASN A 227 8.40 3.02 -23.37
CA ASN A 227 8.37 3.39 -24.80
C ASN A 227 7.64 4.72 -25.07
N TRP A 228 8.02 5.80 -24.37
CA TRP A 228 7.50 7.14 -24.66
C TRP A 228 5.98 7.14 -24.84
N GLN A 229 5.47 7.79 -25.90
CA GLN A 229 4.02 7.82 -26.14
C GLN A 229 3.51 7.63 -27.59
N PRO A 230 3.81 8.55 -28.51
CA PRO A 230 3.17 8.50 -29.85
C PRO A 230 3.20 7.30 -30.87
N VAL A 231 4.06 6.26 -30.89
CA VAL A 231 5.28 5.88 -30.10
C VAL A 231 5.06 4.79 -29.02
N GLN A 232 3.80 4.57 -28.66
CA GLN A 232 3.32 3.38 -27.95
C GLN A 232 1.85 3.34 -28.31
N TRP A 233 1.40 4.45 -28.88
CA TRP A 233 0.04 4.70 -29.28
C TRP A 233 -0.62 3.48 -29.91
N HIS A 234 0.18 2.54 -30.40
CA HIS A 234 -0.34 1.22 -30.77
C HIS A 234 0.37 -0.01 -30.16
N GLY A 235 1.08 0.21 -29.06
CA GLY A 235 1.22 -0.84 -28.05
C GLY A 235 -0.13 -0.84 -27.34
N LYS A 236 -1.19 -0.61 -28.11
CA LYS A 236 -2.56 -0.60 -27.65
C LYS A 236 -3.08 -2.01 -27.87
N VAL A 237 -2.59 -2.90 -27.02
CA VAL A 237 -2.54 -4.36 -27.23
C VAL A 237 -2.95 -4.78 -28.66
N ARG A 238 -2.35 -4.08 -29.61
CA ARG A 238 -2.48 -4.31 -31.05
C ARG A 238 -3.74 -5.08 -31.46
N ILE A 245 -6.90 -6.70 -26.55
CA ILE A 245 -6.30 -5.44 -26.15
C ILE A 245 -6.45 -5.19 -24.65
N VAL A 246 -7.30 -5.99 -24.00
CA VAL A 246 -7.52 -5.91 -22.54
C VAL A 246 -6.41 -6.67 -21.78
N VAL A 247 -5.38 -7.07 -22.52
CA VAL A 247 -4.44 -8.18 -22.18
C VAL A 247 -3.08 -7.76 -21.52
N TYR A 248 -2.12 -8.70 -21.45
CA TYR A 248 -0.70 -8.46 -21.10
C TYR A 248 0.07 -8.20 -22.39
N ASP A 249 1.40 -8.11 -22.31
CA ASP A 249 2.24 -7.93 -23.50
C ASP A 249 3.71 -8.37 -23.42
N ASP A 250 4.48 -7.96 -24.44
CA ASP A 250 5.80 -8.50 -24.77
C ASP A 250 7.00 -7.72 -24.21
N LEU A 251 8.20 -8.14 -24.60
CA LEU A 251 9.48 -7.54 -24.21
C LEU A 251 10.49 -7.62 -25.35
N THR A 252 11.77 -7.56 -25.00
CA THR A 252 12.87 -8.03 -25.84
C THR A 252 13.80 -8.82 -24.94
N GLY A 253 14.45 -8.11 -24.02
CA GLY A 253 15.06 -8.72 -22.85
C GLY A 253 13.96 -8.78 -21.80
N ALA A 254 13.60 -7.62 -21.28
CA ALA A 254 12.58 -7.53 -20.24
C ALA A 254 11.90 -6.15 -20.21
N VAL A 255 10.99 -5.93 -21.16
CA VAL A 255 10.05 -4.80 -21.12
C VAL A 255 8.67 -5.43 -21.07
N LYS A 256 7.63 -4.69 -20.66
CA LYS A 256 6.25 -5.22 -20.68
C LYS A 256 5.18 -4.16 -20.50
N PHE A 257 4.08 -4.35 -21.21
CA PHE A 257 3.02 -3.36 -21.26
C PHE A 257 1.67 -4.00 -21.02
N SER A 258 1.36 -4.25 -19.75
CA SER A 258 0.24 -5.12 -19.37
C SER A 258 -0.77 -4.49 -18.42
N SER A 259 -2.05 -4.75 -18.69
CA SER A 259 -3.10 -4.73 -17.66
C SER A 259 -4.03 -5.94 -17.77
N VAL A 260 -3.68 -6.98 -16.99
CA VAL A 260 -4.57 -8.07 -16.52
C VAL A 260 -4.12 -8.41 -15.08
N LEU A 261 -2.81 -8.58 -14.87
CA LEU A 261 -2.23 -8.90 -13.57
C LEU A 261 -0.88 -8.20 -13.33
N PRO A 262 -0.80 -7.33 -12.30
CA PRO A 262 0.41 -6.62 -11.87
C PRO A 262 1.41 -7.62 -11.25
N THR A 263 2.60 -7.17 -10.88
CA THR A 263 3.65 -8.16 -10.55
C THR A 263 4.15 -8.30 -9.09
N PRO A 264 5.11 -7.44 -8.65
CA PRO A 264 5.89 -7.80 -7.48
C PRO A 264 5.57 -6.98 -6.24
N ASN A 265 4.34 -6.49 -6.15
CA ASN A 265 4.00 -5.54 -5.09
C ASN A 265 2.71 -5.78 -4.34
N HIS A 266 2.85 -5.67 -3.04
CA HIS A 266 1.83 -6.07 -2.10
C HIS A 266 0.91 -4.89 -1.78
N LEU A 267 -0.22 -5.23 -1.15
CA LEU A 267 -1.26 -4.29 -0.74
C LEU A 267 -2.30 -5.07 0.07
N SER A 268 -2.65 -6.24 -0.47
CA SER A 268 -3.37 -7.31 0.21
C SER A 268 -3.25 -8.55 -0.69
N GLY A 269 -4.22 -9.45 -0.60
CA GLY A 269 -4.33 -10.55 -1.55
C GLY A 269 -5.64 -10.43 -2.29
N ILE A 270 -6.37 -9.34 -1.99
CA ILE A 270 -7.72 -9.11 -2.49
C ILE A 270 -7.97 -7.64 -2.90
N LEU A 271 -6.94 -6.81 -2.80
CA LEU A 271 -6.91 -5.52 -3.50
C LEU A 271 -6.17 -5.69 -4.83
N ALA A 272 -5.40 -6.75 -4.91
CA ALA A 272 -5.03 -7.35 -6.19
C ALA A 272 -6.28 -8.03 -6.78
N GLY A 273 -7.31 -8.15 -5.96
CA GLY A 273 -8.66 -8.43 -6.44
C GLY A 273 -9.07 -7.21 -7.24
N LYS A 274 -9.77 -6.29 -6.58
CA LYS A 274 -9.96 -4.93 -7.09
C LYS A 274 -9.23 -4.59 -8.38
N LEU A 275 -7.90 -4.49 -8.30
CA LEU A 275 -7.08 -4.04 -9.42
C LEU A 275 -7.52 -4.73 -10.69
N GLU A 276 -7.34 -6.04 -10.68
CA GLU A 276 -7.54 -6.89 -11.84
C GLU A 276 -9.00 -6.88 -12.29
N ARG A 277 -9.76 -5.91 -11.77
CA ARG A 277 -11.20 -5.82 -12.00
C ARG A 277 -11.61 -4.34 -12.06
N TRP A 278 -11.07 -3.55 -11.14
CA TRP A 278 -11.33 -2.13 -11.11
C TRP A 278 -10.54 -1.44 -12.21
N LEU A 279 -9.24 -1.71 -12.22
CA LEU A 279 -8.39 -1.16 -13.25
C LEU A 279 -8.81 -1.75 -14.58
N GLN A 280 -8.86 -3.09 -14.64
CA GLN A 280 -9.29 -3.80 -15.85
C GLN A 280 -10.59 -3.28 -16.47
N CYS A 281 -11.44 -2.63 -15.67
CA CYS A 281 -12.58 -1.92 -16.24
C CYS A 281 -12.12 -0.56 -16.74
N MET A 282 -11.94 0.37 -15.80
CA MET A 282 -11.70 1.76 -16.18
C MET A 282 -10.23 2.00 -16.53
N LEU A 283 -9.87 1.53 -17.72
CA LEU A 283 -8.57 1.75 -18.30
C LEU A 283 -8.69 1.55 -19.80
N MET A 284 -9.64 2.26 -20.41
CA MET A 284 -9.87 2.19 -21.86
C MET A 284 -10.57 3.41 -22.50
N TRP A 285 -11.11 3.19 -23.71
CA TRP A 285 -11.65 4.21 -24.62
C TRP A 285 -13.16 4.08 -24.83
N HIS A 286 -13.87 5.20 -24.83
CA HIS A 286 -15.26 5.27 -25.32
C HIS A 286 -16.16 4.18 -24.70
N GLN A 287 -16.70 4.49 -23.51
CA GLN A 287 -17.61 3.60 -22.75
C GLN A 287 -16.94 2.38 -22.08
N ARG A 288 -15.95 2.66 -21.22
CA ARG A 288 -15.32 1.67 -20.32
C ARG A 288 -14.51 2.39 -19.24
N THR A 292 -20.33 0.70 -16.79
CA THR A 292 -18.98 0.40 -17.30
C THR A 292 -18.51 -1.04 -17.08
N ASP A 293 -18.51 -1.53 -15.83
CA ASP A 293 -18.14 -2.93 -15.55
C ASP A 293 -19.19 -3.85 -16.14
N PRO A 294 -18.83 -4.56 -17.24
CA PRO A 294 -19.78 -5.18 -18.17
C PRO A 294 -20.84 -6.05 -17.50
N GLN A 295 -20.59 -6.40 -16.25
CA GLN A 295 -21.48 -7.27 -15.51
C GLN A 295 -22.65 -6.52 -14.88
N ASN A 296 -22.54 -5.18 -14.82
CA ASN A 296 -23.43 -4.38 -13.98
C ASN A 296 -23.63 -2.92 -14.42
N PRO A 297 -24.89 -2.51 -14.70
CA PRO A 297 -25.28 -1.08 -14.77
C PRO A 297 -25.18 -0.39 -13.40
N ASN A 298 -23.99 -0.45 -12.82
CA ASN A 298 -23.73 -0.01 -11.47
C ASN A 298 -23.51 1.50 -11.36
N VAL A 299 -22.34 1.91 -10.80
CA VAL A 299 -21.89 3.30 -10.75
C VAL A 299 -20.35 3.34 -10.79
N GLY A 300 -19.79 3.86 -11.88
CA GLY A 300 -18.36 3.75 -12.21
C GLY A 300 -17.34 4.23 -11.19
N CYS A 301 -16.79 5.43 -11.42
CA CYS A 301 -15.84 6.11 -10.49
C CYS A 301 -16.34 6.11 -9.05
N PHE A 302 -17.62 5.79 -8.91
CA PHE A 302 -18.35 5.91 -7.67
C PHE A 302 -18.16 4.67 -6.79
N GLN A 303 -19.27 4.28 -6.20
CA GLN A 303 -19.40 3.17 -5.27
C GLN A 303 -18.89 1.83 -5.82
N ALA A 304 -18.55 1.80 -7.11
CA ALA A 304 -17.89 0.65 -7.65
C ALA A 304 -16.56 0.52 -6.93
N LEU A 305 -15.84 1.63 -6.85
CA LEU A 305 -14.54 1.66 -6.19
C LEU A 305 -14.65 1.42 -4.69
N ASP A 306 -15.51 2.21 -4.05
CA ASP A 306 -15.61 2.30 -2.59
C ASP A 306 -16.02 1.01 -1.89
N SER A 307 -16.91 0.26 -2.54
CA SER A 307 -17.23 -1.09 -2.10
C SER A 307 -15.93 -1.84 -1.98
N ILE A 308 -15.28 -2.04 -3.14
CA ILE A 308 -14.04 -2.79 -3.24
C ILE A 308 -12.91 -2.02 -2.53
N LEU A 309 -13.28 -0.94 -1.86
CA LEU A 309 -12.31 -0.21 -1.06
C LEU A 309 -12.63 -0.34 0.44
N SER A 310 -13.85 0.03 0.83
CA SER A 310 -14.29 0.11 2.24
C SER A 310 -14.24 -1.22 2.98
N LEU A 311 -14.41 -2.30 2.22
CA LEU A 311 -14.29 -3.69 2.68
C LEU A 311 -13.54 -3.88 4.00
N LYS A 312 -14.21 -4.52 4.97
CA LYS A 312 -13.60 -4.83 6.27
C LYS A 312 -12.82 -6.13 6.25
N LEU A 313 -11.54 -6.00 6.58
CA LEU A 313 -10.55 -7.02 6.28
C LEU A 313 -10.14 -7.79 7.52
N LEU A 314 -10.47 -9.08 7.58
CA LEU A 314 -9.83 -9.94 8.56
C LEU A 314 -8.67 -10.69 7.94
N SER A 315 -7.82 -11.22 8.80
CA SER A 315 -6.52 -11.69 8.40
C SER A 315 -6.01 -12.70 9.42
N VAL A 316 -6.20 -13.97 9.09
CA VAL A 316 -5.75 -15.04 9.95
C VAL A 316 -4.38 -15.48 9.48
N MET A 317 -3.46 -15.63 10.42
CA MET A 317 -2.18 -16.26 10.12
C MET A 317 -2.18 -17.70 10.65
N ASN A 318 -2.21 -18.66 9.75
CA ASN A 318 -2.12 -20.07 10.12
C ASN A 318 -0.68 -20.45 10.44
N MET A 319 -0.45 -20.98 11.63
CA MET A 319 0.91 -21.23 12.09
C MET A 319 1.47 -22.57 11.65
N VAL A 320 0.60 -23.39 11.06
CA VAL A 320 1.03 -24.54 10.27
C VAL A 320 1.81 -24.03 9.04
N SER A 321 2.09 -22.72 9.05
CA SER A 321 2.63 -21.94 7.93
C SER A 321 1.91 -22.19 6.59
N GLY A 322 0.67 -22.70 6.69
CA GLY A 322 -0.32 -22.61 5.61
C GLY A 322 -0.62 -21.13 5.48
N ARG A 323 -0.14 -20.39 6.49
CA ARG A 323 0.09 -18.95 6.45
C ARG A 323 -1.14 -18.07 6.36
N VAL A 324 -1.05 -17.00 5.56
CA VAL A 324 -2.02 -15.91 5.55
C VAL A 324 -3.40 -16.31 5.01
N HIS A 325 -4.42 -15.81 5.68
CA HIS A 325 -5.77 -15.84 5.17
C HIS A 325 -6.39 -14.47 5.38
N THR A 326 -7.58 -14.30 4.85
CA THR A 326 -8.11 -12.98 4.63
C THR A 326 -9.62 -13.01 4.48
N TYR A 327 -10.30 -12.06 5.12
CA TYR A 327 -11.73 -12.16 5.25
C TYR A 327 -12.54 -10.88 5.13
N PRO A 328 -13.68 -10.97 4.42
CA PRO A 328 -14.60 -9.89 4.17
C PRO A 328 -15.76 -9.91 5.16
N VAL A 329 -15.54 -9.43 6.38
CA VAL A 329 -16.50 -9.73 7.45
C VAL A 329 -17.39 -8.57 7.88
N THR A 330 -18.65 -8.89 8.17
CA THR A 330 -19.67 -7.93 8.57
C THR A 330 -19.71 -7.74 10.09
N GLU A 331 -20.94 -7.65 10.62
CA GLU A 331 -21.22 -7.66 12.05
C GLU A 331 -21.99 -8.92 12.37
N ASN A 332 -22.83 -9.32 11.41
CA ASN A 332 -23.64 -10.53 11.51
C ASN A 332 -22.78 -11.80 11.49
N GLU A 333 -21.49 -11.63 11.76
CA GLU A 333 -20.53 -12.71 11.69
C GLU A 333 -19.55 -12.57 12.84
N ASN A 334 -19.58 -13.54 13.76
CA ASN A 334 -18.64 -13.58 14.89
C ASN A 334 -17.84 -14.89 14.91
N LEU A 335 -16.96 -15.05 15.89
CA LEU A 335 -16.03 -16.18 15.92
C LEU A 335 -16.66 -17.44 15.35
N GLN A 336 -17.86 -17.76 15.83
CA GLN A 336 -18.67 -18.83 15.28
C GLN A 336 -18.53 -18.96 13.77
N ASN A 337 -18.71 -17.84 13.06
CA ASN A 337 -18.59 -17.82 11.61
C ASN A 337 -17.14 -17.94 11.16
N LEU A 338 -16.24 -17.23 11.85
CA LEU A 338 -14.83 -17.20 11.49
C LEU A 338 -14.21 -18.59 11.47
N LYS A 339 -14.51 -19.37 12.51
CA LYS A 339 -14.01 -20.73 12.63
C LYS A 339 -14.23 -21.51 11.34
N SER A 340 -15.51 -21.66 10.96
CA SER A 340 -15.92 -22.49 9.82
C SER A 340 -15.07 -22.24 8.58
N TRP A 341 -14.55 -21.02 8.48
CA TRP A 341 -13.71 -20.61 7.35
C TRP A 341 -12.30 -21.16 7.48
N LEU A 342 -11.66 -20.93 8.63
CA LEU A 342 -10.32 -21.45 8.88
C LEU A 342 -10.30 -22.95 8.61
N GLN A 343 -11.41 -23.59 8.97
CA GLN A 343 -11.70 -24.99 8.69
C GLN A 343 -11.47 -25.34 7.22
N GLN A 344 -12.30 -24.78 6.34
CA GLN A 344 -12.25 -25.06 4.91
C GLN A 344 -11.34 -24.08 4.18
N ASP A 345 -10.04 -24.17 4.49
CA ASP A 345 -9.01 -23.42 3.77
C ASP A 345 -7.71 -24.23 3.70
N THR A 346 -6.74 -23.93 4.57
CA THR A 346 -5.50 -24.74 4.68
C THR A 346 -4.91 -24.72 6.10
N GLY A 347 -5.61 -25.29 7.09
CA GLY A 347 -6.91 -25.96 6.96
C GLY A 347 -7.42 -26.42 8.32
N ILE A 348 -7.80 -27.71 8.43
CA ILE A 348 -8.08 -28.43 9.71
C ILE A 348 -9.33 -27.97 10.53
N PRO A 349 -10.08 -28.94 11.12
CA PRO A 349 -11.30 -28.75 11.95
C PRO A 349 -11.24 -27.74 13.12
N GLU A 350 -12.40 -27.56 13.78
CA GLU A 350 -12.62 -26.47 14.77
C GLU A 350 -12.06 -26.70 16.16
N GLU A 351 -11.94 -27.96 16.58
CA GLU A 351 -11.55 -28.28 17.96
C GLU A 351 -10.05 -28.51 18.18
N GLU A 352 -9.26 -27.87 17.31
CA GLU A 352 -7.81 -27.75 17.48
C GLU A 352 -7.44 -26.30 17.15
N GLN A 353 -8.35 -25.36 17.46
CA GLN A 353 -8.23 -23.97 17.00
C GLN A 353 -8.02 -22.95 18.12
N GLU A 354 -6.75 -22.60 18.36
CA GLU A 354 -6.43 -21.51 19.26
C GLU A 354 -6.26 -20.24 18.44
N LEU A 355 -7.15 -19.28 18.68
CA LEU A 355 -7.19 -18.03 17.93
C LEU A 355 -6.88 -16.84 18.84
N LEU A 356 -5.62 -16.42 18.84
CA LEU A 356 -5.14 -15.39 19.74
C LEU A 356 -5.08 -14.01 19.08
N GLN A 357 -5.85 -13.09 19.65
CA GLN A 357 -5.84 -11.69 19.24
C GLN A 357 -4.55 -11.05 19.74
N ALA A 358 -3.64 -10.76 18.81
CA ALA A 358 -2.31 -10.26 19.14
C ALA A 358 -1.80 -11.02 20.36
N SER A 359 -1.38 -10.27 21.38
CA SER A 359 -0.98 -10.87 22.64
C SER A 359 -2.19 -11.17 23.51
N GLY A 360 -2.21 -12.37 24.11
CA GLY A 360 -3.21 -12.75 25.09
C GLY A 360 -4.53 -13.24 24.52
N LEU A 361 -5.61 -12.59 24.97
CA LEU A 361 -7.01 -13.00 24.73
C LEU A 361 -7.32 -13.77 23.45
N ALA A 362 -8.18 -14.79 23.56
CA ALA A 362 -8.83 -15.40 22.41
C ALA A 362 -9.78 -14.37 21.82
N LEU A 363 -10.68 -14.78 20.95
CA LEU A 363 -11.72 -13.86 20.50
C LEU A 363 -13.01 -14.09 21.26
N ASN A 364 -13.56 -13.00 21.79
CA ASN A 364 -14.62 -13.08 22.81
C ASN A 364 -15.90 -12.37 22.39
N SER A 365 -16.82 -13.04 21.69
CA SER A 365 -16.74 -14.44 21.28
C SER A 365 -17.95 -14.55 20.37
N ALA A 366 -19.09 -14.17 20.96
CA ALA A 366 -20.29 -13.83 20.22
C ALA A 366 -20.29 -12.32 19.95
N GLN A 367 -19.08 -11.75 19.88
CA GLN A 367 -18.86 -10.37 19.45
C GLN A 367 -18.42 -10.35 17.97
N PRO A 368 -19.15 -9.59 17.12
CA PRO A 368 -18.87 -9.43 15.70
C PRO A 368 -17.39 -9.15 15.41
N LEU A 369 -16.92 -9.60 14.24
CA LEU A 369 -15.53 -9.43 13.83
C LEU A 369 -15.28 -8.00 13.33
N THR A 370 -16.37 -7.31 12.99
CA THR A 370 -16.37 -5.88 12.69
C THR A 370 -15.53 -5.09 13.69
N GLN A 371 -14.98 -5.78 14.67
CA GLN A 371 -14.25 -5.15 15.76
C GLN A 371 -12.74 -5.25 15.60
N TYR A 372 -12.29 -6.35 14.99
CA TYR A 372 -10.85 -6.54 14.82
C TYR A 372 -10.39 -6.49 13.37
N VAL A 373 -10.34 -5.26 12.86
CA VAL A 373 -9.89 -4.94 11.51
C VAL A 373 -8.84 -3.82 11.56
N ILE A 374 -9.32 -2.62 11.91
CA ILE A 374 -8.52 -1.38 12.08
C ILE A 374 -7.72 -0.96 10.82
N ASP A 375 -8.12 0.18 10.22
CA ASP A 375 -7.61 0.62 8.92
C ASP A 375 -6.96 2.01 8.88
N CYS A 376 -5.65 2.05 9.15
CA CYS A 376 -4.76 3.19 8.81
C CYS A 376 -4.98 4.54 9.54
N THR A 377 -3.98 4.95 10.32
CA THR A 377 -3.92 6.30 10.92
C THR A 377 -2.47 6.72 11.18
N VAL A 378 -1.76 5.92 12.00
CA VAL A 378 -0.35 6.16 12.33
C VAL A 378 0.47 4.89 12.09
N GLY A 386 -0.65 -5.75 15.15
CA GLY A 386 -2.00 -5.81 14.57
C GLY A 386 -2.16 -6.93 13.55
N ASP A 387 -2.88 -7.99 13.96
CA ASP A 387 -3.21 -9.16 13.14
C ASP A 387 -3.86 -10.26 13.99
N LEU A 388 -4.68 -11.10 13.34
CA LEU A 388 -5.08 -12.36 13.94
C LEU A 388 -4.09 -13.47 13.59
N ILE A 389 -3.35 -13.90 14.61
CA ILE A 389 -2.51 -15.07 14.50
C ILE A 389 -3.37 -16.23 15.01
N PHE A 390 -3.07 -17.44 14.56
CA PHE A 390 -3.91 -18.60 14.84
C PHE A 390 -3.13 -19.90 14.91
N LEU A 391 -3.36 -20.68 15.96
CA LEU A 391 -2.55 -21.86 16.24
C LEU A 391 -3.29 -23.19 16.31
N PHE A 392 -2.53 -24.25 16.59
CA PHE A 392 -2.98 -25.65 16.49
C PHE A 392 -2.75 -26.48 17.77
N ASP A 393 -3.20 -27.74 17.76
CA ASP A 393 -3.03 -28.66 18.89
C ASP A 393 -2.46 -30.01 18.43
N ASN A 394 -1.15 -30.20 18.59
CA ASN A 394 -0.43 -31.39 18.10
C ASN A 394 0.98 -31.54 18.68
N ARG A 395 1.92 -31.95 17.82
CA ARG A 395 3.34 -32.14 18.18
C ARG A 395 4.20 -30.95 17.74
N LYS A 396 4.09 -30.58 16.46
CA LYS A 396 4.63 -29.33 15.93
C LYS A 396 4.11 -29.09 14.50
N ILE A 403 4.00 -29.39 11.60
CA ILE A 403 5.28 -29.64 10.95
C ILE A 403 5.84 -28.32 10.36
N SER A 404 7.18 -28.23 10.24
CA SER A 404 7.85 -27.01 9.79
C SER A 404 7.92 -26.83 8.27
N LEU A 405 7.12 -25.90 7.76
CA LEU A 405 7.08 -25.58 6.32
C LEU A 405 7.71 -24.22 6.02
N PRO A 406 8.72 -24.19 5.12
CA PRO A 406 9.11 -22.95 4.43
C PRO A 406 8.09 -22.56 3.34
N ALA A 407 8.51 -22.59 2.06
CA ALA A 407 7.69 -22.18 0.90
C ALA A 407 7.46 -20.65 0.81
N HIS A 408 8.04 -20.02 -0.22
CA HIS A 408 8.24 -18.56 -0.23
C HIS A 408 7.60 -17.83 -1.41
N PRO A 409 7.23 -16.53 -1.20
CA PRO A 409 6.72 -15.69 -2.28
C PRO A 409 7.84 -15.22 -3.22
N GLU A 410 7.47 -14.89 -4.47
CA GLU A 410 8.44 -14.57 -5.52
C GLU A 410 7.73 -13.96 -6.75
N SER A 411 8.51 -13.39 -7.66
CA SER A 411 8.00 -12.94 -8.98
C SER A 411 8.84 -13.56 -10.11
N VAL A 412 8.18 -13.87 -11.24
CA VAL A 412 8.83 -14.57 -12.37
C VAL A 412 9.97 -13.77 -13.00
N SER A 413 9.78 -12.47 -13.19
CA SER A 413 10.84 -11.59 -13.69
C SER A 413 11.94 -11.36 -12.64
N ILE A 414 12.19 -12.41 -11.85
CA ILE A 414 13.32 -12.51 -10.93
C ILE A 414 13.88 -13.93 -10.95
N VAL A 415 13.09 -14.86 -11.50
CA VAL A 415 13.43 -16.29 -11.52
C VAL A 415 14.85 -16.59 -12.10
N LEU A 416 15.08 -16.26 -13.37
CA LEU A 416 16.37 -16.53 -14.02
C LEU A 416 17.40 -15.41 -13.86
N GLN A 417 17.04 -14.38 -13.09
CA GLN A 417 17.85 -13.17 -12.95
C GLN A 417 19.12 -13.43 -12.16
N ASP A 418 19.09 -14.47 -11.34
CA ASP A 418 20.27 -14.92 -10.60
C ASP A 418 21.10 -15.98 -11.36
N PRO A 419 20.46 -17.05 -11.88
CA PRO A 419 21.22 -18.07 -12.63
C PRO A 419 21.84 -17.61 -13.95
N LYS A 420 21.88 -16.30 -14.18
CA LYS A 420 22.41 -15.74 -15.42
C LYS A 420 22.76 -14.26 -15.28
N ARG A 421 23.64 -13.77 -16.15
CA ARG A 421 23.91 -12.34 -16.30
C ARG A 421 23.40 -11.90 -17.68
N PRO A 422 22.10 -12.10 -17.96
CA PRO A 422 21.66 -12.17 -19.35
C PRO A 422 21.44 -10.80 -20.00
N LEU A 423 22.46 -10.31 -20.72
CA LEU A 423 22.48 -8.97 -21.31
C LEU A 423 21.62 -8.02 -20.46
N THR A 424 21.94 -7.96 -19.18
CA THR A 424 21.17 -7.23 -18.18
C THR A 424 21.35 -5.72 -18.36
N TYR A 425 20.53 -5.17 -19.25
CA TYR A 425 20.72 -3.83 -19.82
C TYR A 425 20.51 -2.64 -18.86
N THR A 426 20.51 -1.45 -19.45
CA THR A 426 20.32 -0.17 -18.77
C THR A 426 19.32 -0.21 -17.61
N HIS A 427 18.19 -0.86 -17.83
CA HIS A 427 17.10 -0.86 -16.88
C HIS A 427 17.06 -2.01 -15.92
N LEU A 428 17.52 -1.65 -14.72
CA LEU A 428 17.58 -2.53 -13.57
C LEU A 428 16.84 -1.80 -12.46
N ARG A 429 16.25 -0.65 -12.82
CA ARG A 429 15.25 0.05 -12.00
C ARG A 429 13.91 -0.69 -12.06
N ARG A 430 13.96 -1.90 -12.66
CA ARG A 430 12.91 -2.91 -12.52
C ARG A 430 13.42 -4.03 -11.62
N VAL A 431 14.37 -4.81 -12.15
CA VAL A 431 14.85 -6.00 -11.47
C VAL A 431 15.55 -5.67 -10.16
N TRP A 432 16.58 -4.84 -10.23
CA TRP A 432 17.41 -4.56 -9.07
C TRP A 432 16.61 -4.13 -7.84
N GLY A 433 15.72 -3.17 -8.02
CA GLY A 433 14.79 -2.78 -6.97
C GLY A 433 13.98 -3.99 -6.50
N GLN A 434 13.36 -4.69 -7.46
CA GLN A 434 12.55 -5.86 -7.17
C GLN A 434 13.28 -6.85 -6.28
N ILE A 435 14.53 -7.12 -6.63
CA ILE A 435 15.39 -7.96 -5.80
C ILE A 435 15.10 -7.77 -4.31
N TRP A 436 15.29 -6.54 -3.83
CA TRP A 436 15.17 -6.25 -2.40
C TRP A 436 13.73 -6.24 -1.95
N GLN A 437 12.80 -5.90 -2.85
CA GLN A 437 11.38 -5.89 -2.50
C GLN A 437 10.89 -7.31 -2.32
N THR A 438 11.62 -8.26 -2.91
CA THR A 438 11.37 -9.68 -2.65
C THR A 438 12.08 -10.09 -1.36
N ILE A 439 13.26 -9.49 -1.11
CA ILE A 439 13.97 -9.70 0.15
C ILE A 439 13.19 -9.05 1.30
N ARG A 440 12.69 -7.84 1.06
CA ARG A 440 11.85 -7.12 2.01
C ARG A 440 10.65 -7.96 2.41
N ALA A 441 9.97 -8.55 1.43
CA ALA A 441 8.82 -9.43 1.68
C ALA A 441 9.16 -10.53 2.69
N LEU A 442 10.39 -11.04 2.63
CA LEU A 442 10.87 -12.09 3.52
C LEU A 442 11.07 -11.60 4.95
N LYS A 443 11.76 -10.47 5.08
CA LYS A 443 11.83 -9.77 6.36
C LYS A 443 10.43 -9.71 6.95
N GLU A 444 9.53 -9.03 6.25
CA GLU A 444 8.14 -8.83 6.68
C GLU A 444 7.40 -10.15 6.95
N ASP A 445 8.08 -11.28 6.71
CA ASP A 445 7.46 -12.58 6.95
C ASP A 445 7.98 -13.27 8.18
N CYS A 446 9.30 -13.35 8.31
CA CYS A 446 9.88 -13.82 9.56
C CYS A 446 9.32 -12.92 10.65
N ALA A 447 9.38 -11.61 10.41
CA ALA A 447 8.78 -10.63 11.30
C ALA A 447 7.35 -11.03 11.64
N ARG A 448 6.57 -11.33 10.60
CA ARG A 448 5.19 -11.76 10.79
C ARG A 448 5.11 -13.27 11.06
N LEU A 449 6.11 -13.79 11.74
CA LEU A 449 6.05 -15.11 12.35
C LEU A 449 6.79 -15.11 13.69
N LEU A 450 7.59 -14.06 13.90
CA LEU A 450 8.07 -13.72 15.24
C LEU A 450 6.86 -13.37 16.08
N GLN A 451 6.01 -12.51 15.54
CA GLN A 451 4.75 -12.13 16.18
C GLN A 451 3.64 -13.12 15.84
N GLY A 452 4.02 -14.21 15.17
CA GLY A 452 3.13 -15.33 14.91
C GLY A 452 3.35 -16.44 15.92
N GLN A 453 4.55 -16.48 16.49
CA GLN A 453 4.93 -17.49 17.47
C GLN A 453 5.07 -16.92 18.87
N ARG A 454 5.93 -15.90 19.02
CA ARG A 454 6.15 -15.25 20.32
C ARG A 454 4.93 -14.45 20.74
N THR A 455 3.82 -14.73 20.06
CA THR A 455 2.52 -14.30 20.49
C THR A 455 1.78 -15.49 21.12
N SER A 456 2.39 -16.66 21.06
CA SER A 456 1.81 -17.88 21.63
C SER A 456 2.59 -18.33 22.87
N MET A 457 3.61 -17.57 23.24
CA MET A 457 4.33 -17.84 24.48
C MET A 457 3.84 -16.95 25.63
N VAL A 458 3.12 -15.88 25.30
CA VAL A 458 2.39 -15.10 26.32
C VAL A 458 1.22 -15.96 26.80
N ASN A 459 0.79 -16.88 25.94
CA ASN A 459 -0.16 -17.94 26.28
C ASN A 459 0.45 -18.92 27.30
N LEU A 460 1.77 -18.91 27.40
CA LEU A 460 2.47 -19.65 28.45
C LEU A 460 2.66 -18.76 29.66
N LEU A 461 3.42 -17.67 29.51
CA LEU A 461 3.78 -16.79 30.62
C LEU A 461 2.61 -16.52 31.56
N ARG A 462 1.43 -16.24 30.99
CA ARG A 462 0.22 -16.08 31.79
C ARG A 462 -0.19 -17.41 32.43
N TYR A 463 -0.41 -18.43 31.59
CA TYR A 463 -0.79 -19.77 32.06
C TYR A 463 0.21 -20.38 33.03
N ASN A 464 1.50 -20.16 32.78
CA ASN A 464 2.56 -20.65 33.66
C ASN A 464 2.40 -20.10 35.07
N THR A 465 2.57 -18.79 35.22
CA THR A 465 2.55 -18.14 36.54
C THR A 465 1.19 -18.19 37.26
N GLU A 466 0.09 -18.14 36.50
CA GLU A 466 -1.26 -18.32 37.06
C GLU A 466 -1.41 -19.68 37.72
N LEU A 467 -0.81 -20.70 37.07
CA LEU A 467 -0.82 -22.06 37.60
C LEU A 467 0.54 -22.45 38.19
N SER A 468 1.31 -21.45 38.61
CA SER A 468 2.61 -21.67 39.25
C SER A 468 2.60 -21.23 40.72
N LYS A 469 2.28 -19.95 40.94
CA LYS A 469 2.33 -19.38 42.29
C LYS A 469 0.98 -19.43 43.03
N LYS A 470 -0.01 -20.07 42.40
CA LYS A 470 -1.19 -20.56 43.09
C LYS A 470 -0.80 -21.81 43.88
N LYS A 471 0.38 -22.34 43.55
CA LYS A 471 0.99 -23.44 44.31
C LYS A 471 2.21 -22.99 45.13
N ASN A 472 2.07 -21.82 45.74
CA ASN A 472 2.94 -21.36 46.83
C ASN A 472 2.06 -20.73 47.92
N SER A 473 0.77 -20.69 47.62
CA SER A 473 -0.29 -20.29 48.55
C SER A 473 -1.14 -21.50 48.93
N MET A 474 -1.23 -22.48 48.03
CA MET A 474 -1.85 -23.77 48.34
C MET A 474 -0.82 -24.91 48.32
N THR A 475 0.43 -24.58 48.67
CA THR A 475 1.48 -25.55 48.95
C THR A 475 2.37 -25.05 50.09
N SER A 476 1.91 -25.30 51.32
CA SER A 476 2.66 -25.03 52.54
C SER A 476 2.84 -26.33 53.33
N GLU A 477 1.99 -27.30 53.04
CA GLU A 477 2.06 -28.63 53.65
C GLU A 477 3.28 -29.41 53.18
N ARG A 530 2.67 -37.67 53.79
CA ARG A 530 3.56 -36.73 53.12
C ARG A 530 3.98 -37.26 51.74
N GLU A 531 3.58 -36.55 50.69
CA GLU A 531 4.00 -36.86 49.32
C GLU A 531 4.38 -35.57 48.58
N VAL A 532 5.31 -34.82 49.15
CA VAL A 532 5.75 -33.53 48.59
C VAL A 532 6.76 -33.67 47.44
N GLN A 533 6.68 -34.81 46.76
CA GLN A 533 7.63 -35.15 45.70
C GLN A 533 7.44 -34.30 44.44
N ALA A 534 6.41 -34.61 43.64
CA ALA A 534 6.18 -33.94 42.36
C ALA A 534 5.53 -32.54 42.49
N LEU A 535 6.10 -31.72 43.38
CA LEU A 535 5.65 -30.34 43.56
C LEU A 535 6.65 -29.35 42.94
N VAL A 536 7.84 -29.25 43.54
CA VAL A 536 8.90 -28.33 43.08
C VAL A 536 9.84 -29.01 42.06
N ASP A 537 9.52 -30.25 41.71
CA ASP A 537 10.28 -31.03 40.72
C ASP A 537 9.78 -30.77 39.30
N LYS A 538 8.47 -30.86 39.10
CA LYS A 538 7.85 -30.47 37.84
C LYS A 538 7.28 -29.07 38.01
N MET A 539 8.20 -28.13 38.17
CA MET A 539 7.93 -26.74 38.50
C MET A 539 9.17 -25.93 38.19
N MET A 540 10.32 -26.46 38.62
CA MET A 540 11.62 -25.86 38.35
C MET A 540 12.37 -26.72 37.32
N ALA A 541 11.59 -27.41 36.48
CA ALA A 541 12.09 -28.19 35.35
C ALA A 541 11.30 -27.89 34.09
N LEU A 542 10.00 -27.63 34.26
CA LEU A 542 9.18 -27.12 33.17
C LEU A 542 8.87 -25.63 33.41
N GLN A 543 9.70 -25.02 34.27
CA GLN A 543 9.97 -23.59 34.27
C GLN A 543 11.29 -23.42 33.52
N THR A 544 12.17 -24.41 33.64
CA THR A 544 13.42 -24.51 32.88
C THR A 544 13.12 -24.50 31.38
N ASP A 545 12.20 -25.37 30.95
CA ASP A 545 11.75 -25.38 29.56
C ASP A 545 10.74 -24.26 29.27
N SER A 546 10.83 -23.17 30.04
CA SER A 546 10.03 -21.96 29.84
C SER A 546 10.90 -20.70 29.91
N VAL A 547 11.99 -20.78 30.67
CA VAL A 547 12.96 -19.68 30.81
C VAL A 547 13.91 -19.57 29.62
N ASP A 548 14.08 -20.68 28.89
CA ASP A 548 14.98 -20.74 27.72
C ASP A 548 14.59 -19.77 26.61
N LEU A 549 13.28 -19.63 26.40
CA LEU A 549 12.75 -19.00 25.20
C LEU A 549 12.32 -17.55 25.40
N GLN A 550 11.98 -17.18 26.63
CA GLN A 550 11.43 -15.85 26.94
C GLN A 550 12.44 -14.68 26.83
N ARG A 551 13.70 -15.00 26.56
CA ARG A 551 14.73 -14.01 26.22
C ARG A 551 15.71 -14.57 25.19
N ASN A 552 15.50 -14.22 23.92
CA ASN A 552 16.32 -14.69 22.80
C ASN A 552 16.36 -13.71 21.63
N PRO A 553 17.51 -13.64 20.90
CA PRO A 553 17.64 -12.79 19.71
C PRO A 553 16.72 -13.23 18.56
N THR A 561 22.80 -11.62 8.89
CA THR A 561 21.71 -12.57 9.12
C THR A 561 20.59 -12.41 8.07
N LEU A 562 19.73 -11.40 8.26
CA LEU A 562 18.70 -11.04 7.29
C LEU A 562 18.49 -9.52 7.26
N ASP A 563 18.43 -8.91 8.45
CA ASP A 563 18.34 -7.46 8.56
C ASP A 563 19.69 -6.81 8.28
N ASP A 564 20.76 -7.51 8.71
CA ASP A 564 22.14 -7.16 8.39
C ASP A 564 22.34 -7.23 6.88
N LEU A 565 21.31 -7.69 6.17
CA LEU A 565 21.34 -7.89 4.74
C LEU A 565 20.43 -6.89 4.01
N GLU A 566 19.40 -6.41 4.70
CA GLU A 566 18.48 -5.41 4.14
C GLU A 566 19.21 -4.11 3.85
N GLU A 567 20.19 -3.78 4.68
CA GLU A 567 20.99 -2.57 4.50
C GLU A 567 21.91 -2.63 3.25
N GLN A 568 22.45 -3.81 2.94
CA GLN A 568 23.28 -4.00 1.74
C GLN A 568 22.45 -3.91 0.46
N ALA A 569 21.20 -4.34 0.54
CA ALA A 569 20.22 -4.08 -0.50
C ALA A 569 19.88 -2.60 -0.49
N ARG A 570 19.65 -2.07 0.71
CA ARG A 570 19.28 -0.66 0.90
C ARG A 570 20.19 0.26 0.10
N ASP A 571 21.47 -0.10 0.03
CA ASP A 571 22.47 0.70 -0.64
C ASP A 571 22.48 0.49 -2.16
N LEU A 572 22.88 -0.70 -2.60
CA LEU A 572 23.14 -0.95 -4.02
C LEU A 572 22.01 -0.56 -4.95
N TYR A 573 20.81 -1.08 -4.67
CA TYR A 573 19.64 -0.83 -5.50
C TYR A 573 19.12 0.60 -5.29
N ARG A 574 20.00 1.41 -4.72
CA ARG A 574 19.86 2.85 -4.65
C ARG A 574 21.06 3.46 -5.39
N ARG A 575 22.20 2.78 -5.34
CA ARG A 575 23.42 3.27 -5.99
C ARG A 575 23.29 3.22 -7.51
N LEU A 576 22.07 3.14 -7.99
CA LEU A 576 21.80 3.15 -9.42
C LEU A 576 21.24 4.50 -9.83
N ARG A 577 20.21 4.94 -9.13
CA ARG A 577 19.70 6.30 -9.27
C ARG A 577 20.77 7.29 -8.82
N GLU A 578 21.62 6.84 -7.91
CA GLU A 578 22.74 7.64 -7.40
C GLU A 578 23.99 7.47 -8.25
N ARG A 579 23.90 6.57 -9.24
CA ARG A 579 24.85 6.53 -10.34
C ARG A 579 24.44 7.61 -11.34
N PRO A 580 25.39 8.45 -11.78
CA PRO A 580 25.14 9.58 -12.68
C PRO A 580 24.48 9.21 -14.01
N ARG A 581 24.03 10.21 -14.76
CA ARG A 581 23.37 10.00 -16.05
C ARG A 581 24.31 9.33 -17.06
N ASP A 582 25.60 9.62 -16.94
CA ASP A 582 26.62 8.95 -17.76
C ASP A 582 27.09 7.67 -17.09
N GLN A 583 28.01 6.96 -17.75
CA GLN A 583 28.68 5.76 -17.22
C GLN A 583 27.76 4.55 -17.01
N ARG A 584 26.48 4.79 -16.79
CA ARG A 584 25.47 3.74 -16.66
C ARG A 584 25.23 3.05 -18.01
N THR A 585 24.85 1.77 -17.97
CA THR A 585 24.47 0.96 -19.16
C THR A 585 25.02 -0.47 -19.20
N PRO A 586 26.32 -0.67 -18.86
CA PRO A 586 26.88 -2.02 -18.94
C PRO A 586 25.91 -3.13 -18.49
N GLY A 587 25.74 -4.14 -19.32
CA GLY A 587 24.82 -5.26 -19.05
C GLY A 587 25.23 -6.16 -17.90
N ASP A 588 25.12 -5.62 -16.68
CA ASP A 588 25.72 -6.22 -15.48
C ASP A 588 24.74 -6.46 -14.34
N SER A 589 24.79 -7.67 -13.79
CA SER A 589 23.95 -8.05 -12.66
C SER A 589 24.80 -8.23 -11.40
N ASN A 590 25.26 -9.46 -11.14
CA ASN A 590 26.26 -9.76 -10.08
C ASN A 590 25.77 -9.71 -8.61
N ASP A 591 25.96 -8.57 -7.96
CA ASP A 591 25.84 -8.43 -6.49
C ASP A 591 24.51 -8.88 -5.88
N MET A 592 23.42 -8.64 -6.60
CA MET A 592 22.07 -8.92 -6.14
C MET A 592 21.85 -10.39 -5.82
N VAL A 593 22.39 -11.26 -6.66
CA VAL A 593 22.24 -12.71 -6.56
C VAL A 593 22.45 -13.22 -5.14
N ARG A 594 23.68 -13.04 -4.61
CA ARG A 594 24.04 -13.52 -3.28
C ARG A 594 23.12 -12.98 -2.19
N LEU A 595 22.74 -11.71 -2.31
CA LEU A 595 21.88 -11.05 -1.31
C LEU A 595 20.56 -11.78 -1.16
N LEU A 596 20.02 -12.26 -2.27
CA LEU A 596 18.78 -13.05 -2.27
C LEU A 596 18.96 -14.41 -1.61
N ILE A 597 20.04 -15.11 -1.98
CA ILE A 597 20.30 -16.46 -1.46
C ILE A 597 20.63 -16.40 0.03
N LEU A 598 21.33 -15.36 0.46
CA LEU A 598 21.61 -15.15 1.88
C LEU A 598 20.35 -14.79 2.64
N ALA A 599 19.42 -14.12 1.97
CA ALA A 599 18.09 -13.86 2.52
C ALA A 599 17.30 -15.16 2.62
N ILE A 600 17.58 -16.08 1.70
CA ILE A 600 17.01 -17.40 1.71
C ILE A 600 17.70 -18.28 2.77
N GLN A 601 19.02 -18.13 2.88
CA GLN A 601 19.81 -18.87 3.87
C GLN A 601 19.49 -18.44 5.30
N SER A 602 18.74 -17.35 5.44
CA SER A 602 18.17 -16.95 6.73
C SER A 602 16.73 -17.46 6.85
N PHE A 603 15.97 -17.42 5.76
CA PHE A 603 14.63 -17.98 5.71
C PHE A 603 14.63 -19.50 5.62
N GLU A 604 15.65 -20.11 6.22
CA GLU A 604 15.77 -21.54 6.33
C GLU A 604 16.51 -21.86 7.64
N LYS A 605 16.82 -20.80 8.38
CA LYS A 605 17.35 -20.89 9.74
C LYS A 605 16.38 -20.16 10.67
N ARG A 606 16.10 -18.89 10.36
CA ARG A 606 15.10 -18.11 11.10
C ARG A 606 13.79 -18.87 11.18
N VAL A 607 13.47 -19.56 10.09
CA VAL A 607 12.24 -20.35 9.98
C VAL A 607 12.19 -21.51 10.98
N ILE A 608 12.90 -22.60 10.69
CA ILE A 608 12.85 -23.81 11.54
C ILE A 608 13.23 -23.56 12.99
N LEU A 609 14.07 -22.54 13.23
CA LEU A 609 14.48 -22.22 14.59
C LEU A 609 13.61 -21.13 15.19
N ILE A 610 12.42 -20.97 14.60
CA ILE A 610 11.30 -20.38 15.30
C ILE A 610 10.37 -21.53 15.72
N TYR A 611 10.60 -22.71 15.13
CA TYR A 611 9.89 -23.94 15.51
C TYR A 611 10.50 -24.58 16.77
N ASP A 612 11.79 -24.32 17.00
CA ASP A 612 12.43 -24.67 18.28
C ASP A 612 12.19 -23.57 19.32
N GLN A 613 11.26 -22.69 18.98
CA GLN A 613 10.61 -21.82 19.94
C GLN A 613 9.14 -22.22 20.01
N LEU A 614 8.57 -22.57 18.85
CA LEU A 614 7.18 -22.98 18.74
C LEU A 614 6.91 -24.28 19.49
N SER A 615 7.53 -25.37 19.06
CA SER A 615 7.29 -26.69 19.63
C SER A 615 7.73 -26.82 21.10
N LYS A 616 8.68 -25.96 21.50
CA LYS A 616 9.12 -25.88 22.89
C LYS A 616 8.21 -24.96 23.70
N THR A 617 7.07 -24.62 23.11
CA THR A 617 5.99 -23.94 23.82
C THR A 617 4.64 -24.59 23.47
N VAL A 618 4.68 -25.74 22.79
CA VAL A 618 3.46 -26.49 22.49
C VAL A 618 3.42 -27.82 23.25
N VAL A 619 4.58 -28.27 23.70
CA VAL A 619 4.64 -29.39 24.64
C VAL A 619 4.84 -28.82 26.05
N CYS A 620 5.41 -27.62 26.12
CA CYS A 620 5.56 -26.88 27.37
C CYS A 620 4.38 -25.95 27.58
N LYS A 621 3.19 -26.46 27.27
CA LYS A 621 1.93 -25.75 27.40
C LYS A 621 0.86 -26.81 27.60
N ARG A 622 1.02 -27.92 26.88
CA ARG A 622 0.21 -29.11 27.10
C ARG A 622 0.75 -29.86 28.31
N LYS A 623 1.70 -30.76 28.08
CA LYS A 623 2.27 -31.60 29.14
C LYS A 623 3.10 -30.81 30.14
N ALA A 624 2.77 -29.53 30.30
CA ALA A 624 3.29 -28.70 31.37
C ALA A 624 2.11 -28.17 32.18
N LEU A 625 1.05 -27.76 31.48
CA LEU A 625 -0.14 -27.21 32.12
C LEU A 625 -1.30 -28.21 32.14
N GLU A 626 -1.03 -29.42 31.65
CA GLU A 626 -1.97 -30.54 31.79
C GLU A 626 -1.44 -31.52 32.85
N LEU A 627 -0.16 -31.38 33.20
CA LEU A 627 0.40 -32.11 34.33
C LEU A 627 0.13 -31.36 35.64
N SER A 628 -0.69 -30.30 35.55
CA SER A 628 -1.15 -29.58 36.74
C SER A 628 -2.41 -30.17 37.41
N PRO A 629 -3.50 -30.48 36.63
CA PRO A 629 -4.70 -31.13 37.23
C PRO A 629 -4.45 -32.38 38.10
N LYS A 630 -3.28 -33.01 37.97
CA LYS A 630 -2.89 -34.12 38.84
C LYS A 630 -1.88 -33.67 39.91
N VAL A 631 -1.73 -32.35 40.05
CA VAL A 631 -0.94 -31.73 41.11
C VAL A 631 -1.75 -30.59 41.73
N LYS A 632 -2.78 -30.14 41.02
CA LYS A 632 -3.72 -29.14 41.53
C LYS A 632 -4.52 -29.73 42.69
N GLU A 633 -5.53 -30.52 42.35
CA GLU A 633 -6.42 -31.12 43.35
C GLU A 633 -6.16 -32.63 43.50
N VAL A 634 -4.87 -32.97 43.50
CA VAL A 634 -4.38 -34.28 43.94
C VAL A 634 -3.32 -34.03 45.01
N MET A 635 -2.72 -32.84 44.97
CA MET A 635 -1.86 -32.34 46.04
C MET A 635 -2.65 -31.41 46.96
N ASN A 636 -3.85 -31.85 47.33
CA ASN A 636 -4.77 -31.11 48.20
C ASN A 636 -5.29 -32.02 49.32
N LEU A 637 -5.83 -33.18 48.93
CA LEU A 637 -6.44 -34.12 49.87
C LEU A 637 -5.39 -34.98 50.58
N MET A 638 -4.89 -34.46 51.71
CA MET A 638 -3.98 -35.20 52.59
C MET A 638 -4.42 -35.06 54.04
N ARG A 639 -5.11 -33.96 54.33
CA ARG A 639 -5.73 -33.72 55.63
C ARG A 639 -6.85 -34.72 55.91
CLAA XNM B . -2.03 27.92 -7.93
CAB XNM B . -1.39 26.77 -6.82
CAC XNM B . -0.76 25.60 -7.32
CAD XNM B . -0.23 24.67 -6.41
CAE XNM B . -1.51 27.01 -5.43
CAF XNM B . -0.98 26.07 -4.52
CAG XNM B . -0.34 24.91 -5.03
CAH XNM B . 0.17 23.98 -4.11
NAI XNM B . 0.73 22.82 -4.56
CAJ XNM B . 1.18 21.87 -3.69
NAK XNM B . 1.79 20.76 -4.16
CAL XNM B . 3.12 20.57 -4.15
CAM XNM B . 3.89 20.82 -5.31
CAN XNM B . 5.29 20.66 -5.26
OAO XNM B . 7.94 19.73 -3.03
CAP XNM B . 0.03 24.20 -2.73
CAQ XNM B . 0.50 23.21 -1.85
NAR XNM B . 1.05 22.10 -2.36
CAS XNM B . 3.74 20.17 -2.95
CAT XNM B . 5.14 20.02 -2.90
CAU XNM B . 5.91 20.27 -4.07
CAV XNM B . 7.38 20.08 -4.07
NAW XNM B . 8.19 20.34 -5.19
CAX XNM B . 9.63 20.13 -5.10
CAY XNM B . 10.34 21.41 -5.46
CAZ XNM B . 7.77 20.80 -6.52
CBA XNM B . 8.53 22.05 -6.88
NBB XNM B . 9.97 21.87 -6.80
CBC XNM B . 10.68 22.47 -7.35
CBD XNM B . 10.63 23.97 -6.97
OBE XNM B . 9.36 24.53 -7.26
#